data_3M7P
#
_entry.id   3M7P
#
_cell.length_a   124.789
_cell.length_b   124.789
_cell.length_c   60.649
_cell.angle_alpha   90.00
_cell.angle_beta   90.00
_cell.angle_gamma   120.00
#
_symmetry.space_group_name_H-M   'P 32 2 1'
#
loop_
_entity.id
_entity.type
_entity.pdbx_description
1 polymer 'FN1 protein'
2 non-polymer 2-acetamido-2-deoxy-beta-D-glucopyranose
3 non-polymer 'ZINC ION'
4 non-polymer 'DODECAETHYLENE GLYCOL'
5 water water
#
_entity_poly.entity_id   1
_entity_poly.type   'polypeptide(L)'
_entity_poly.pdbx_seq_one_letter_code
;QPHPQPPPYGHCVTDSGVVYSVGMQWLKTQGNKQMLCTCLGNGVSCQETAVTQTYGGNSNGEPCVLPFTYNGRTFYSCTT
EGRQDGHLWCSTTSNYEQDQKYSFCTDHTVLVQTRGGNSNGALCHFPFLYNNHNYTDCTSEGRRDNMKWCGTTQNYDADQ
KFGFCPMAAHEEICTTNEGVMYRIGDQWDKQHDMGHMMRCTCVGNGRGEWTCIAYSQLRDQCIVDDITYNVNDTFHKRHE
EGHMLNCTCFGQGRGRWKCDPVDQCQDSETGTFYQIGDSWEKYVHGVRYQCYCYGRGIGEWHCQPLQT
;
_entity_poly.pdbx_strand_id   A
#
loop_
_chem_comp.id
_chem_comp.type
_chem_comp.name
_chem_comp.formula
12P non-polymer 'DODECAETHYLENE GLYCOL' 'C24 H50 O13'
NAG D-saccharide, beta linking 2-acetamido-2-deoxy-beta-D-glucopyranose 'C8 H15 N O6'
ZN non-polymer 'ZINC ION' 'Zn 2'
#
# COMPACT_ATOMS: atom_id res chain seq x y z
N GLN A 1 19.71 -22.72 18.95
CA GLN A 1 19.15 -22.95 17.62
C GLN A 1 20.23 -23.49 16.65
N PRO A 2 19.94 -24.52 15.79
CA PRO A 2 20.99 -25.02 14.86
C PRO A 2 21.36 -24.01 13.75
N HIS A 3 22.45 -24.28 13.01
CA HIS A 3 22.92 -23.40 11.95
C HIS A 3 22.79 -24.03 10.57
N PRO A 4 22.47 -23.21 9.52
CA PRO A 4 22.37 -23.74 8.14
C PRO A 4 23.53 -24.58 7.61
N GLN A 5 23.22 -25.36 6.57
CA GLN A 5 24.16 -26.22 5.88
C GLN A 5 24.82 -25.40 4.76
N PRO A 6 26.19 -25.34 4.70
CA PRO A 6 26.84 -24.57 3.62
C PRO A 6 26.80 -25.30 2.27
N PRO A 7 26.91 -24.62 1.11
CA PRO A 7 27.02 -23.16 0.91
C PRO A 7 25.70 -22.40 1.13
N PRO A 8 25.72 -21.07 1.41
CA PRO A 8 26.89 -20.20 1.53
C PRO A 8 27.69 -20.40 2.82
N TYR A 9 28.98 -20.05 2.77
CA TYR A 9 29.87 -20.15 3.92
C TYR A 9 29.76 -18.85 4.69
N GLY A 10 29.43 -18.99 5.97
CA GLY A 10 29.23 -17.87 6.87
C GLY A 10 27.77 -17.70 7.24
N HIS A 11 27.54 -17.35 8.51
CA HIS A 11 26.21 -17.17 9.07
C HIS A 11 26.11 -15.91 9.90
N CYS A 12 24.89 -15.39 10.02
CA CYS A 12 24.57 -14.26 10.89
C CYS A 12 23.64 -14.77 11.95
N VAL A 13 23.94 -14.52 13.21
CA VAL A 13 23.04 -14.86 14.30
C VAL A 13 22.44 -13.54 14.73
N THR A 14 21.16 -13.33 14.41
CA THR A 14 20.43 -12.09 14.66
C THR A 14 19.97 -11.96 16.11
N ASP A 15 19.66 -10.72 16.54
CA ASP A 15 19.17 -10.35 17.88
C ASP A 15 18.09 -11.31 18.42
N SER A 16 17.13 -11.73 17.54
CA SER A 16 16.03 -12.67 17.84
C SER A 16 16.44 -14.17 17.96
N GLY A 17 17.69 -14.49 17.58
CA GLY A 17 18.21 -15.85 17.60
C GLY A 17 18.19 -16.55 16.24
N VAL A 18 17.53 -15.93 15.23
CA VAL A 18 17.40 -16.44 13.86
C VAL A 18 18.77 -16.37 13.16
N VAL A 19 19.16 -17.48 12.51
CA VAL A 19 20.41 -17.64 11.78
C VAL A 19 20.19 -17.52 10.25
N TYR A 20 20.77 -16.48 9.63
CA TYR A 20 20.68 -16.31 8.17
C TYR A 20 22.04 -16.62 7.55
N SER A 21 22.07 -17.05 6.29
CA SER A 21 23.29 -17.35 5.53
C SER A 21 23.77 -16.09 4.77
N VAL A 22 25.08 -16.04 4.44
CA VAL A 22 25.68 -14.93 3.70
C VAL A 22 25.00 -14.77 2.31
N GLY A 23 24.51 -13.57 2.04
CA GLY A 23 23.83 -13.27 0.78
C GLY A 23 22.33 -13.12 0.91
N MET A 24 21.76 -13.56 2.07
CA MET A 24 20.36 -13.46 2.39
C MET A 24 19.98 -12.06 2.84
N GLN A 25 18.73 -11.71 2.61
CA GLN A 25 18.10 -10.44 3.00
C GLN A 25 16.78 -10.77 3.70
N TRP A 26 16.38 -9.94 4.65
CA TRP A 26 15.15 -10.12 5.39
C TRP A 26 14.66 -8.76 5.84
N LEU A 27 13.40 -8.68 6.29
CA LEU A 27 12.82 -7.44 6.77
C LEU A 27 12.76 -7.41 8.30
N LYS A 28 13.35 -6.38 8.91
CA LYS A 28 13.34 -6.10 10.36
C LYS A 28 12.25 -5.01 10.50
N THR A 29 11.12 -5.34 11.13
CA THR A 29 9.99 -4.41 11.26
C THR A 29 9.76 -4.04 12.71
N GLN A 30 9.80 -2.72 12.99
CA GLN A 30 9.60 -2.15 14.33
C GLN A 30 8.34 -1.24 14.29
N GLY A 31 7.21 -1.80 14.76
CA GLY A 31 5.91 -1.12 14.75
C GLY A 31 5.42 -0.96 13.33
N ASN A 32 5.66 0.23 12.73
CA ASN A 32 5.33 0.54 11.34
C ASN A 32 6.62 0.80 10.52
N LYS A 33 7.77 0.94 11.23
CA LYS A 33 9.09 1.18 10.64
C LYS A 33 9.64 -0.12 10.05
N GLN A 34 10.27 -0.03 8.88
CA GLN A 34 10.81 -1.19 8.21
C GLN A 34 12.27 -1.02 7.79
N MET A 35 13.07 -2.06 8.04
CA MET A 35 14.48 -2.08 7.62
C MET A 35 14.71 -3.26 6.71
N LEU A 36 15.61 -3.09 5.75
CA LEU A 36 16.04 -4.14 4.83
C LEU A 36 17.49 -4.51 5.29
N CYS A 37 17.62 -5.74 5.85
CA CYS A 37 18.82 -6.33 6.41
C CYS A 37 19.50 -7.30 5.51
N THR A 38 20.83 -7.25 5.46
CA THR A 38 21.66 -8.15 4.65
C THR A 38 22.73 -8.90 5.50
N CYS A 39 22.90 -10.16 5.18
CA CYS A 39 23.93 -10.98 5.80
C CYS A 39 25.15 -10.94 4.90
N LEU A 40 26.09 -10.06 5.27
CA LEU A 40 27.38 -9.87 4.62
C LEU A 40 28.38 -10.79 5.32
N GLY A 41 29.55 -11.00 4.73
CA GLY A 41 30.60 -11.86 5.29
C GLY A 41 31.03 -11.53 6.72
N ASN A 42 31.08 -10.22 7.05
CA ASN A 42 31.44 -9.67 8.35
C ASN A 42 30.25 -9.43 9.31
N GLY A 43 29.03 -9.73 8.89
CA GLY A 43 27.89 -9.49 9.77
C GLY A 43 26.69 -8.86 9.12
N VAL A 44 25.78 -8.30 9.96
CA VAL A 44 24.49 -7.72 9.54
C VAL A 44 24.53 -6.25 9.14
N SER A 45 24.06 -5.94 7.93
CA SER A 45 23.94 -4.58 7.46
C SER A 45 22.44 -4.22 7.18
N CYS A 46 21.92 -3.25 7.91
CA CYS A 46 20.55 -2.72 7.76
C CYS A 46 20.51 -1.32 7.14
N GLN A 47 19.47 -1.08 6.33
CA GLN A 47 19.22 0.20 5.68
C GLN A 47 17.78 0.38 5.29
N GLU A 48 17.45 1.56 4.76
CA GLU A 48 16.13 1.96 4.25
C GLU A 48 15.66 0.88 3.24
N THR A 49 14.40 0.36 3.41
CA THR A 49 13.83 -0.67 2.53
C THR A 49 13.79 -0.17 1.08
N ALA A 50 14.74 -0.63 0.23
CA ALA A 50 14.80 -0.26 -1.19
C ALA A 50 14.14 -1.36 -2.05
N VAL A 51 13.26 -0.95 -2.98
CA VAL A 51 12.56 -1.85 -3.89
C VAL A 51 12.94 -1.43 -5.31
N THR A 52 13.50 -2.38 -6.07
CA THR A 52 14.01 -2.15 -7.43
C THR A 52 12.97 -2.49 -8.50
N GLN A 53 13.42 -2.59 -9.75
CA GLN A 53 12.62 -2.91 -10.95
C GLN A 53 11.68 -1.77 -11.29
N THR A 54 12.21 -0.55 -11.21
CA THR A 54 11.49 0.68 -11.48
C THR A 54 11.89 1.19 -12.87
N TYR A 55 11.36 2.33 -13.28
CA TYR A 55 11.64 2.97 -14.59
C TYR A 55 11.11 4.38 -14.53
N GLY A 56 11.58 5.22 -15.43
CA GLY A 56 11.14 6.60 -15.56
C GLY A 56 11.22 7.42 -14.29
N GLY A 57 10.44 8.51 -14.29
CA GLY A 57 10.43 9.47 -13.20
C GLY A 57 11.68 10.33 -13.20
N ASN A 58 11.63 11.45 -12.47
CA ASN A 58 12.73 12.41 -12.34
C ASN A 58 14.03 11.87 -11.69
N SER A 59 14.04 10.59 -11.21
CA SER A 59 15.19 10.03 -10.52
C SER A 59 16.05 9.05 -11.32
N ASN A 60 15.85 8.97 -12.66
CA ASN A 60 16.60 8.06 -13.56
C ASN A 60 16.26 6.57 -13.28
N GLY A 61 15.06 6.31 -12.74
CA GLY A 61 14.67 4.94 -12.40
C GLY A 61 15.42 4.36 -11.21
N GLU A 62 15.63 5.17 -10.15
CA GLU A 62 16.26 4.78 -8.88
C GLU A 62 15.26 3.91 -8.10
N PRO A 63 15.69 3.06 -7.13
CA PRO A 63 14.71 2.21 -6.42
C PRO A 63 13.72 2.97 -5.51
N CYS A 64 12.62 2.31 -5.10
CA CYS A 64 11.61 2.85 -4.15
C CYS A 64 12.11 2.73 -2.74
N VAL A 65 11.66 3.65 -1.87
CA VAL A 65 11.81 3.50 -0.44
C VAL A 65 10.42 3.15 0.00
N LEU A 66 10.21 1.92 0.46
CA LEU A 66 8.90 1.44 0.88
C LEU A 66 8.94 1.08 2.34
N PRO A 67 8.13 1.69 3.23
CA PRO A 67 7.15 2.76 2.95
C PRO A 67 7.79 4.11 2.66
N PHE A 68 6.97 5.04 2.16
CA PHE A 68 7.33 6.43 1.89
C PHE A 68 6.16 7.31 2.31
N THR A 69 6.44 8.58 2.49
CA THR A 69 5.47 9.59 2.91
C THR A 69 5.22 10.46 1.71
N TYR A 70 3.98 10.84 1.52
CA TYR A 70 3.59 11.76 0.45
C TYR A 70 2.27 12.32 0.90
N ASN A 71 2.13 13.65 0.82
CA ASN A 71 0.88 14.35 1.10
C ASN A 71 0.27 14.07 2.50
N GLY A 72 1.13 13.91 3.50
CA GLY A 72 0.76 13.65 4.89
C GLY A 72 0.44 12.21 5.24
N ARG A 73 0.51 11.33 4.25
CA ARG A 73 0.17 9.92 4.39
C ARG A 73 1.41 9.07 4.20
N THR A 74 1.30 7.77 4.53
CA THR A 74 2.33 6.72 4.39
C THR A 74 1.80 5.69 3.38
N PHE A 75 2.65 5.30 2.43
CA PHE A 75 2.35 4.32 1.38
C PHE A 75 3.27 3.19 1.52
N TYR A 76 2.72 1.97 1.65
CA TYR A 76 3.47 0.73 1.84
C TYR A 76 3.76 -0.01 0.52
N SER A 77 3.14 0.45 -0.56
CA SER A 77 3.20 -0.05 -1.93
C SER A 77 3.18 1.14 -2.86
N CYS A 78 3.38 0.88 -4.14
CA CYS A 78 3.27 1.91 -5.16
C CYS A 78 1.87 2.38 -5.21
N THR A 79 1.69 3.64 -5.64
CA THR A 79 0.38 4.26 -5.69
C THR A 79 0.11 4.97 -7.00
N THR A 80 -1.15 5.30 -7.27
CA THR A 80 -1.52 6.10 -8.45
C THR A 80 -1.93 7.46 -7.88
N GLU A 81 -1.95 7.59 -6.51
CA GLU A 81 -2.38 8.83 -5.84
C GLU A 81 -1.68 10.09 -6.34
N GLY A 82 -2.50 11.05 -6.78
CA GLY A 82 -2.02 12.32 -7.28
C GLY A 82 -1.93 12.36 -8.79
N ARG A 83 -1.98 11.18 -9.45
CA ARG A 83 -1.86 11.08 -10.90
C ARG A 83 -3.19 10.88 -11.66
N GLN A 84 -3.36 11.61 -12.75
CA GLN A 84 -4.54 11.51 -13.63
C GLN A 84 -4.37 10.41 -14.68
N ASP A 85 -3.18 9.84 -14.82
CA ASP A 85 -2.79 8.88 -15.86
C ASP A 85 -2.79 7.42 -15.46
N GLY A 86 -3.08 7.14 -14.19
CA GLY A 86 -3.16 5.79 -13.66
C GLY A 86 -1.84 5.04 -13.50
N HIS A 87 -0.69 5.75 -13.65
CA HIS A 87 0.60 5.07 -13.51
C HIS A 87 1.01 4.90 -12.04
N LEU A 88 1.41 3.70 -11.66
CA LEU A 88 1.87 3.38 -10.32
C LEU A 88 3.27 3.97 -10.15
N TRP A 89 3.43 4.77 -9.11
CA TRP A 89 4.67 5.44 -8.80
C TRP A 89 5.00 5.22 -7.33
N CYS A 90 6.24 5.53 -6.97
CA CYS A 90 6.80 5.41 -5.64
C CYS A 90 7.88 6.51 -5.50
N SER A 91 8.11 6.92 -4.28
CA SER A 91 9.14 7.88 -3.90
C SER A 91 10.44 7.11 -3.80
N THR A 92 11.55 7.73 -4.27
CA THR A 92 12.89 7.16 -4.20
C THR A 92 13.62 7.46 -2.88
N THR A 93 12.99 8.29 -2.03
CA THR A 93 13.42 8.65 -0.67
C THR A 93 12.25 8.41 0.27
N SER A 94 12.50 8.39 1.59
CA SER A 94 11.44 8.20 2.59
C SER A 94 10.47 9.38 2.65
N ASN A 95 10.95 10.63 2.38
CA ASN A 95 10.08 11.82 2.35
C ASN A 95 9.99 12.50 0.96
N TYR A 96 8.82 12.34 0.33
CA TYR A 96 8.54 12.89 -0.98
C TYR A 96 8.40 14.38 -0.93
N GLU A 97 7.60 14.92 0.02
CA GLU A 97 7.43 16.38 0.14
C GLU A 97 8.74 17.17 0.25
N GLN A 98 9.72 16.59 0.93
CA GLN A 98 11.05 17.17 1.04
C GLN A 98 11.86 16.97 -0.26
N ASP A 99 12.22 15.71 -0.58
CA ASP A 99 13.12 15.39 -1.69
C ASP A 99 12.55 15.45 -3.08
N GLN A 100 11.22 15.24 -3.24
CA GLN A 100 10.48 15.28 -4.53
C GLN A 100 11.00 14.32 -5.63
N LYS A 101 11.68 13.22 -5.25
CA LYS A 101 12.23 12.27 -6.21
C LYS A 101 11.37 10.97 -6.32
N TYR A 102 11.08 10.54 -7.58
CA TYR A 102 10.22 9.37 -7.78
C TYR A 102 10.61 8.57 -9.00
N SER A 103 10.13 7.32 -9.05
CA SER A 103 10.22 6.38 -10.16
C SER A 103 8.80 5.80 -10.40
N PHE A 104 8.59 5.18 -11.56
CA PHE A 104 7.36 4.44 -11.86
C PHE A 104 7.60 2.98 -11.58
N CYS A 105 6.57 2.25 -11.23
CA CYS A 105 6.64 0.84 -10.85
C CYS A 105 6.24 -0.14 -11.93
N THR A 106 6.74 -1.36 -11.82
CA THR A 106 6.47 -2.49 -12.72
C THR A 106 5.90 -3.60 -11.83
N ASP A 107 5.42 -4.74 -12.41
CA ASP A 107 4.91 -5.90 -11.64
C ASP A 107 5.93 -6.49 -10.66
N HIS A 108 7.22 -6.10 -10.78
CA HIS A 108 8.33 -6.58 -9.94
C HIS A 108 8.77 -5.60 -8.83
N THR A 109 8.13 -4.44 -8.75
CA THR A 109 8.41 -3.47 -7.70
C THR A 109 7.67 -3.89 -6.43
N VAL A 110 8.12 -4.98 -5.84
CA VAL A 110 7.57 -5.57 -4.61
C VAL A 110 8.70 -6.37 -3.97
N LEU A 111 8.61 -6.62 -2.68
CA LEU A 111 9.60 -7.47 -2.01
C LEU A 111 8.80 -8.64 -1.52
N VAL A 112 9.23 -9.85 -1.83
CA VAL A 112 8.50 -11.02 -1.37
C VAL A 112 9.17 -11.74 -0.18
N GLN A 113 8.55 -11.60 0.99
CA GLN A 113 8.97 -12.23 2.24
C GLN A 113 8.43 -13.66 2.21
N THR A 114 9.33 -14.67 2.21
CA THR A 114 8.99 -16.08 2.11
C THR A 114 8.46 -16.66 3.42
N ARG A 115 7.84 -17.86 3.34
CA ARG A 115 7.33 -18.63 4.48
C ARG A 115 7.71 -20.08 4.22
N GLY A 116 7.85 -20.85 5.30
CA GLY A 116 8.27 -22.24 5.20
C GLY A 116 9.65 -22.35 4.61
N GLY A 117 9.97 -23.49 4.03
CA GLY A 117 11.28 -23.73 3.44
C GLY A 117 12.44 -23.68 4.44
N ASN A 118 13.64 -23.54 3.90
CA ASN A 118 14.95 -23.48 4.55
C ASN A 118 15.30 -22.12 5.18
N SER A 119 14.74 -21.03 4.64
CA SER A 119 15.17 -19.67 4.89
C SER A 119 14.66 -18.76 5.99
N ASN A 120 13.93 -19.26 6.99
CA ASN A 120 13.44 -18.44 8.12
C ASN A 120 12.77 -17.14 7.80
N GLY A 121 11.98 -17.09 6.75
CA GLY A 121 11.25 -15.88 6.39
C GLY A 121 12.08 -14.86 5.63
N ALA A 122 13.21 -15.30 5.05
CA ALA A 122 14.06 -14.41 4.26
C ALA A 122 13.31 -13.95 2.99
N LEU A 123 13.75 -12.82 2.41
CA LEU A 123 13.21 -12.30 1.17
C LEU A 123 13.71 -13.19 0.04
N CYS A 124 12.99 -13.15 -1.09
CA CYS A 124 13.31 -13.83 -2.32
C CYS A 124 14.50 -13.11 -2.86
N HIS A 125 15.44 -13.86 -3.45
CA HIS A 125 16.57 -13.20 -4.08
C HIS A 125 16.39 -13.36 -5.56
N PHE A 126 16.26 -12.23 -6.27
CA PHE A 126 16.10 -12.21 -7.73
C PHE A 126 17.26 -11.47 -8.42
N PRO A 127 17.85 -12.08 -9.47
CA PRO A 127 17.58 -13.44 -9.95
C PRO A 127 18.23 -14.51 -9.07
N PHE A 128 17.59 -15.68 -8.99
CA PHE A 128 18.14 -16.84 -8.30
C PHE A 128 18.41 -17.83 -9.41
N LEU A 129 19.49 -18.61 -9.31
CA LEU A 129 19.89 -19.55 -10.36
C LEU A 129 19.36 -20.94 -10.06
N TYR A 130 18.57 -21.49 -10.99
CA TYR A 130 17.97 -22.83 -10.86
C TYR A 130 17.92 -23.54 -12.22
N ASN A 131 18.45 -24.80 -12.27
CA ASN A 131 18.60 -25.61 -13.49
C ASN A 131 19.35 -24.80 -14.56
N ASN A 132 20.39 -24.07 -14.12
CA ASN A 132 21.22 -23.16 -14.91
C ASN A 132 20.48 -21.99 -15.60
N HIS A 133 19.25 -21.68 -15.13
CA HIS A 133 18.42 -20.58 -15.60
C HIS A 133 18.13 -19.62 -14.43
N ASN A 134 18.18 -18.30 -14.70
CA ASN A 134 17.93 -17.22 -13.74
C ASN A 134 16.43 -16.86 -13.66
N TYR A 135 15.83 -17.05 -12.49
CA TYR A 135 14.43 -16.74 -12.26
C TYR A 135 14.31 -15.39 -11.57
N THR A 136 13.54 -14.46 -12.15
CA THR A 136 13.33 -13.09 -11.68
C THR A 136 12.00 -12.91 -10.93
N ASP A 137 11.33 -14.03 -10.65
CA ASP A 137 10.09 -14.15 -9.89
C ASP A 137 9.93 -15.60 -9.43
N CYS A 138 8.96 -15.86 -8.56
CA CYS A 138 8.66 -17.20 -8.04
C CYS A 138 8.26 -18.20 -9.10
N THR A 139 8.59 -19.46 -8.87
CA THR A 139 8.34 -20.50 -9.85
C THR A 139 7.61 -21.70 -9.29
N SER A 140 7.01 -22.46 -10.21
CA SER A 140 6.31 -23.70 -9.94
C SER A 140 7.26 -24.82 -10.30
N GLU A 141 8.24 -24.55 -11.21
CA GLU A 141 9.26 -25.47 -11.75
C GLU A 141 9.96 -26.29 -10.69
N GLY A 142 10.31 -27.52 -11.06
CA GLY A 142 10.97 -28.47 -10.18
C GLY A 142 10.10 -29.01 -9.06
N ARG A 143 8.77 -28.76 -9.13
CA ARG A 143 7.83 -29.21 -8.10
C ARG A 143 6.61 -29.90 -8.66
N ARG A 144 6.27 -31.06 -8.06
CA ARG A 144 5.13 -31.89 -8.48
C ARG A 144 3.81 -31.23 -8.06
N ASP A 145 3.74 -30.77 -6.79
CA ASP A 145 2.58 -30.07 -6.19
C ASP A 145 2.28 -28.67 -6.78
N ASN A 146 3.17 -28.18 -7.66
CA ASN A 146 3.06 -26.89 -8.33
C ASN A 146 3.10 -25.63 -7.44
N MET A 147 3.60 -25.77 -6.19
CA MET A 147 3.77 -24.66 -5.24
C MET A 147 4.82 -23.64 -5.70
N LYS A 148 4.53 -22.35 -5.45
CA LYS A 148 5.40 -21.28 -5.85
C LYS A 148 6.44 -20.96 -4.80
N TRP A 149 7.72 -21.07 -5.19
CA TRP A 149 8.92 -20.90 -4.35
C TRP A 149 9.93 -20.00 -5.06
N CYS A 150 11.02 -19.65 -4.37
CA CYS A 150 12.14 -18.85 -4.89
C CYS A 150 13.37 -19.22 -4.12
N GLY A 151 14.53 -18.98 -4.71
CA GLY A 151 15.80 -19.14 -4.01
C GLY A 151 16.02 -17.90 -3.17
N THR A 152 16.54 -18.05 -1.95
CA THR A 152 16.77 -16.91 -1.05
C THR A 152 18.22 -16.36 -1.14
N THR A 153 18.98 -16.89 -2.12
CA THR A 153 20.34 -16.47 -2.49
C THR A 153 20.39 -16.42 -4.02
N GLN A 154 21.50 -15.90 -4.57
CA GLN A 154 21.78 -15.78 -6.01
C GLN A 154 21.84 -17.16 -6.70
N ASN A 155 22.38 -18.20 -6.02
CA ASN A 155 22.52 -19.53 -6.62
C ASN A 155 21.83 -20.61 -5.81
N TYR A 156 20.63 -21.08 -6.28
CA TYR A 156 19.88 -22.15 -5.60
C TYR A 156 20.49 -23.52 -5.91
N ASP A 157 21.00 -23.71 -7.15
CA ASP A 157 21.64 -24.97 -7.57
C ASP A 157 22.77 -25.36 -6.59
N ALA A 158 23.58 -24.35 -6.20
CA ALA A 158 24.70 -24.45 -5.26
C ALA A 158 24.30 -24.35 -3.78
N ASP A 159 23.57 -23.28 -3.39
CA ASP A 159 23.21 -23.04 -1.98
C ASP A 159 22.01 -23.81 -1.41
N GLN A 160 21.08 -24.24 -2.29
CA GLN A 160 19.86 -24.99 -1.93
C GLN A 160 18.94 -24.25 -0.93
N LYS A 161 19.02 -22.91 -0.90
CA LYS A 161 18.23 -22.08 0.04
C LYS A 161 16.98 -21.52 -0.65
N PHE A 162 15.81 -21.82 -0.08
CA PHE A 162 14.54 -21.42 -0.65
C PHE A 162 13.48 -21.18 0.41
N GLY A 163 12.37 -20.64 -0.04
CA GLY A 163 11.17 -20.40 0.76
C GLY A 163 9.98 -20.31 -0.16
N PHE A 164 8.77 -20.39 0.40
CA PHE A 164 7.53 -20.30 -0.40
C PHE A 164 7.00 -18.90 -0.41
N CYS A 165 6.47 -18.48 -1.56
CA CYS A 165 5.88 -17.16 -1.78
C CYS A 165 4.40 -17.16 -1.47
N PRO A 166 3.99 -16.49 -0.37
CA PRO A 166 2.56 -16.49 -0.01
C PRO A 166 1.76 -15.43 -0.75
N MET A 167 0.44 -15.57 -0.69
CA MET A 167 -0.49 -14.62 -1.26
C MET A 167 -0.28 -13.30 -0.49
N ALA A 168 -0.27 -12.15 -1.19
CA ALA A 168 -0.11 -10.85 -0.53
C ALA A 168 -1.26 -10.54 0.46
N ALA A 169 -0.92 -9.87 1.56
CA ALA A 169 -1.86 -9.57 2.61
C ALA A 169 -2.29 -8.12 2.59
N HIS A 170 -3.45 -7.88 3.21
CA HIS A 170 -4.12 -6.59 3.38
C HIS A 170 -4.81 -6.68 4.75
N GLU A 171 -5.20 -5.51 5.31
CA GLU A 171 -5.91 -5.45 6.59
C GLU A 171 -7.30 -6.01 6.38
N GLU A 172 -7.79 -6.87 7.31
CA GLU A 172 -9.09 -7.53 7.19
C GLU A 172 -10.31 -6.79 7.75
N ILE A 173 -10.06 -5.74 8.55
CA ILE A 173 -11.09 -4.99 9.28
C ILE A 173 -11.22 -3.55 8.83
N CYS A 174 -12.47 -3.07 8.68
CA CYS A 174 -12.78 -1.65 8.52
C CYS A 174 -13.35 -1.26 9.86
N THR A 175 -12.74 -0.27 10.51
CA THR A 175 -13.20 0.25 11.78
C THR A 175 -13.84 1.59 11.46
N THR A 176 -15.10 1.77 11.90
CA THR A 176 -15.89 3.00 11.68
C THR A 176 -15.46 4.08 12.68
N ASN A 177 -15.82 5.35 12.41
CA ASN A 177 -15.55 6.48 13.30
C ASN A 177 -16.23 6.23 14.66
N GLU A 178 -17.31 5.42 14.65
CA GLU A 178 -18.10 5.00 15.82
C GLU A 178 -17.44 3.79 16.54
N GLY A 179 -16.30 3.34 16.04
CA GLY A 179 -15.58 2.18 16.59
C GLY A 179 -16.10 0.81 16.18
N VAL A 180 -17.10 0.77 15.27
CA VAL A 180 -17.66 -0.51 14.81
C VAL A 180 -16.72 -1.18 13.80
N MET A 181 -16.34 -2.43 14.09
CA MET A 181 -15.48 -3.25 13.26
C MET A 181 -16.29 -4.13 12.30
N TYR A 182 -15.94 -4.05 11.01
CA TYR A 182 -16.53 -4.83 9.93
C TYR A 182 -15.43 -5.55 9.18
N ARG A 183 -15.78 -6.62 8.48
CA ARG A 183 -14.88 -7.41 7.64
C ARG A 183 -15.09 -6.96 6.18
N ILE A 184 -14.07 -7.24 5.33
CA ILE A 184 -14.12 -6.92 3.89
C ILE A 184 -15.35 -7.58 3.27
N GLY A 185 -16.23 -6.78 2.70
CA GLY A 185 -17.48 -7.26 2.10
C GLY A 185 -18.73 -6.91 2.88
N ASP A 186 -18.60 -6.57 4.20
CA ASP A 186 -19.75 -6.24 5.03
C ASP A 186 -20.35 -4.93 4.61
N GLN A 187 -21.68 -4.86 4.70
CA GLN A 187 -22.46 -3.69 4.33
C GLN A 187 -23.31 -3.23 5.51
N TRP A 188 -23.49 -1.91 5.62
CA TRP A 188 -24.29 -1.26 6.64
C TRP A 188 -24.75 0.10 6.11
N ASP A 189 -25.72 0.73 6.79
CA ASP A 189 -26.20 2.06 6.40
C ASP A 189 -25.39 3.09 7.22
N LYS A 190 -24.98 4.21 6.60
CA LYS A 190 -24.15 5.23 7.26
C LYS A 190 -24.81 5.81 8.48
N GLN A 191 -24.02 5.92 9.59
CA GLN A 191 -24.40 6.45 10.90
C GLN A 191 -24.70 7.96 10.92
N HIS A 192 -23.94 8.77 10.16
CA HIS A 192 -24.13 10.22 10.12
C HIS A 192 -24.27 10.74 8.68
N ASP A 193 -25.52 10.73 8.18
CA ASP A 193 -25.90 11.16 6.84
C ASP A 193 -26.58 12.56 6.81
N MET A 194 -26.47 13.26 5.66
CA MET A 194 -27.03 14.59 5.44
C MET A 194 -28.49 14.50 4.92
N GLY A 195 -29.35 13.80 5.68
CA GLY A 195 -30.74 13.57 5.29
C GLY A 195 -30.80 12.48 4.24
N HIS A 196 -29.98 12.65 3.16
CA HIS A 196 -29.79 11.69 2.06
C HIS A 196 -28.96 10.51 2.63
N MET A 197 -29.61 9.33 2.74
CA MET A 197 -28.99 8.14 3.31
C MET A 197 -27.90 7.51 2.43
N MET A 198 -26.92 6.86 3.07
CA MET A 198 -25.78 6.23 2.42
C MET A 198 -25.65 4.76 2.74
N ARG A 199 -25.21 3.97 1.74
CA ARG A 199 -24.93 2.55 1.91
C ARG A 199 -23.40 2.35 1.91
N CYS A 200 -22.90 1.71 2.95
CA CYS A 200 -21.50 1.48 3.18
C CYS A 200 -21.05 0.09 2.90
N THR A 201 -19.79 -0.01 2.44
CA THR A 201 -19.17 -1.30 2.25
C THR A 201 -17.76 -1.25 2.73
N CYS A 202 -17.33 -2.30 3.43
CA CYS A 202 -15.95 -2.46 3.84
C CYS A 202 -15.24 -3.06 2.62
N VAL A 203 -14.53 -2.18 1.87
CA VAL A 203 -13.86 -2.48 0.59
C VAL A 203 -12.41 -2.99 0.79
N GLY A 204 -11.71 -2.33 1.70
CA GLY A 204 -10.33 -2.64 2.03
C GLY A 204 -9.36 -1.67 1.39
N ASN A 205 -8.99 -1.96 0.11
CA ASN A 205 -7.94 -1.28 -0.66
C ASN A 205 -6.61 -1.31 0.13
N GLY A 206 -6.35 -2.45 0.77
CA GLY A 206 -5.18 -2.76 1.58
C GLY A 206 -4.97 -1.93 2.84
N ARG A 207 -6.01 -1.20 3.28
CA ARG A 207 -5.93 -0.20 4.36
C ARG A 207 -7.25 -0.14 5.18
N GLY A 208 -8.08 -1.15 5.01
CA GLY A 208 -9.37 -1.23 5.69
C GLY A 208 -10.29 -0.08 5.37
N GLU A 209 -10.30 0.38 4.10
CA GLU A 209 -11.16 1.48 3.68
C GLU A 209 -12.59 1.02 3.47
N TRP A 210 -13.54 1.86 3.83
CA TRP A 210 -14.97 1.67 3.66
C TRP A 210 -15.53 2.83 2.84
N THR A 211 -16.40 2.53 1.87
CA THR A 211 -17.00 3.48 0.94
C THR A 211 -18.50 3.55 1.16
N CYS A 212 -19.04 4.76 1.19
CA CYS A 212 -20.45 5.06 1.39
C CYS A 212 -21.01 5.71 0.13
N ILE A 213 -22.10 5.13 -0.42
CA ILE A 213 -22.70 5.62 -1.67
C ILE A 213 -24.15 6.08 -1.48
N ALA A 214 -24.49 7.21 -2.07
CA ALA A 214 -25.84 7.80 -2.04
C ALA A 214 -26.27 8.07 -3.49
N TYR A 215 -27.44 7.55 -3.86
CA TYR A 215 -27.98 7.76 -5.22
C TYR A 215 -29.11 8.78 -5.21
N SER A 216 -29.03 9.77 -6.12
CA SER A 216 -30.02 10.83 -6.32
C SER A 216 -30.58 10.73 -7.72
N GLN A 217 -31.90 10.93 -7.86
CA GLN A 217 -32.63 10.81 -9.13
C GLN A 217 -33.70 11.89 -9.33
N LEU A 218 -33.73 12.43 -10.56
CA LEU A 218 -34.69 13.46 -11.03
C LEU A 218 -35.36 12.93 -12.33
N ARG A 219 -35.10 11.64 -12.65
CA ARG A 219 -35.51 10.85 -13.82
C ARG A 219 -34.79 11.23 -15.12
N ASP A 220 -34.33 12.48 -15.19
CA ASP A 220 -33.54 13.00 -16.30
C ASP A 220 -32.04 12.81 -15.96
N GLN A 221 -31.64 13.22 -14.74
CA GLN A 221 -30.27 13.14 -14.24
C GLN A 221 -30.10 12.32 -12.95
N CYS A 222 -28.96 11.60 -12.84
CA CYS A 222 -28.60 10.79 -11.67
C CYS A 222 -27.27 11.23 -11.06
N ILE A 223 -27.36 11.82 -9.87
CA ILE A 223 -26.23 12.27 -9.06
C ILE A 223 -25.85 11.15 -8.10
N VAL A 224 -24.60 10.71 -8.21
CA VAL A 224 -24.05 9.65 -7.38
C VAL A 224 -22.89 10.21 -6.60
N ASP A 225 -22.98 10.17 -5.29
CA ASP A 225 -21.90 10.61 -4.44
C ASP A 225 -21.38 9.46 -3.56
N ASP A 226 -20.06 9.39 -3.39
CA ASP A 226 -19.40 8.36 -2.56
C ASP A 226 -18.29 8.98 -1.71
N ILE A 227 -18.14 8.50 -0.47
CA ILE A 227 -17.10 8.94 0.47
C ILE A 227 -16.39 7.69 0.95
N THR A 228 -15.06 7.72 0.97
CA THR A 228 -14.20 6.62 1.43
C THR A 228 -13.43 7.05 2.66
N TYR A 229 -13.38 6.17 3.69
CA TYR A 229 -12.67 6.42 4.95
C TYR A 229 -11.84 5.24 5.35
N ASN A 230 -10.97 5.48 6.33
CA ASN A 230 -10.19 4.53 7.10
C ASN A 230 -9.93 5.21 8.45
N VAL A 231 -9.92 4.44 9.55
CA VAL A 231 -9.59 5.04 10.85
C VAL A 231 -8.10 4.74 11.05
N ASN A 232 -7.52 5.44 12.01
CA ASN A 232 -6.12 5.33 12.37
C ASN A 232 -5.83 4.03 13.08
N ASP A 233 -4.62 3.51 12.84
CA ASP A 233 -4.06 2.34 13.48
C ASP A 233 -2.54 2.54 13.54
N THR A 234 -1.77 1.47 13.70
CA THR A 234 -0.31 1.56 13.78
C THR A 234 0.34 1.91 12.44
N PHE A 235 -0.31 1.51 11.32
CA PHE A 235 0.22 1.74 9.98
C PHE A 235 -0.34 2.95 9.26
N HIS A 236 -1.62 3.26 9.51
CA HIS A 236 -2.32 4.29 8.75
C HIS A 236 -2.98 5.38 9.58
N LYS A 237 -3.01 6.61 9.03
CA LYS A 237 -3.65 7.78 9.63
C LYS A 237 -5.07 7.84 9.05
N ARG A 238 -5.95 8.67 9.64
CA ARG A 238 -7.29 8.79 9.11
C ARG A 238 -7.23 9.52 7.77
N HIS A 239 -8.09 9.11 6.82
CA HIS A 239 -8.22 9.78 5.54
C HIS A 239 -9.65 9.69 5.08
N GLU A 240 -10.07 10.71 4.37
CA GLU A 240 -11.42 10.85 3.86
C GLU A 240 -11.33 11.38 2.43
N GLU A 241 -12.07 10.76 1.50
CA GLU A 241 -12.12 11.18 0.12
C GLU A 241 -13.52 11.02 -0.41
N GLY A 242 -14.06 12.10 -0.93
CA GLY A 242 -15.39 12.15 -1.52
C GLY A 242 -15.38 12.48 -3.00
N HIS A 243 -16.32 11.88 -3.75
CA HIS A 243 -16.53 12.12 -5.18
C HIS A 243 -17.99 12.41 -5.42
N MET A 244 -18.28 13.05 -6.55
CA MET A 244 -19.65 13.27 -7.01
C MET A 244 -19.71 13.10 -8.51
N LEU A 245 -20.62 12.23 -8.97
CA LEU A 245 -20.83 12.02 -10.39
C LEU A 245 -22.21 12.54 -10.81
N ASN A 246 -22.27 13.21 -11.97
CA ASN A 246 -23.49 13.76 -12.58
C ASN A 246 -23.69 13.13 -13.96
N CYS A 247 -24.44 12.02 -13.97
CA CYS A 247 -24.70 11.29 -15.19
C CYS A 247 -26.15 11.32 -15.65
N THR A 248 -26.32 11.52 -16.96
CA THR A 248 -27.59 11.52 -17.67
C THR A 248 -28.06 10.06 -17.80
N CYS A 249 -29.39 9.85 -17.62
CA CYS A 249 -30.03 8.52 -17.72
C CYS A 249 -31.54 8.63 -17.98
N TRP A 257 -24.68 5.31 -19.12
CA TRP A 257 -24.88 6.71 -18.74
C TRP A 257 -23.84 7.66 -19.43
N LYS A 258 -24.16 8.97 -19.48
CA LYS A 258 -23.30 10.03 -20.04
C LYS A 258 -22.95 11.04 -18.94
N CYS A 259 -21.66 11.10 -18.58
CA CYS A 259 -21.13 11.98 -17.54
C CYS A 259 -20.81 13.40 -17.96
N ASP A 260 -21.30 14.35 -17.16
CA ASP A 260 -21.02 15.78 -17.23
C ASP A 260 -19.98 16.04 -16.10
N PRO A 261 -18.81 16.66 -16.37
CA PRO A 261 -17.83 16.87 -15.30
C PRO A 261 -18.38 17.71 -14.14
N VAL A 262 -18.08 17.27 -12.91
CA VAL A 262 -18.46 17.92 -11.66
C VAL A 262 -17.19 18.66 -11.20
N ASP A 263 -17.20 19.99 -11.32
CA ASP A 263 -16.04 20.84 -11.04
C ASP A 263 -16.07 21.62 -9.72
N GLN A 264 -16.85 21.12 -8.76
CA GLN A 264 -16.98 21.68 -7.43
C GLN A 264 -17.25 20.55 -6.42
N CYS A 265 -17.01 20.85 -5.13
CA CYS A 265 -17.10 19.87 -4.05
C CYS A 265 -18.18 20.20 -3.13
N GLN A 266 -18.80 19.16 -2.57
CA GLN A 266 -19.81 19.24 -1.54
C GLN A 266 -19.32 18.37 -0.40
N ASP A 267 -19.01 18.98 0.77
CA ASP A 267 -18.58 18.22 1.95
C ASP A 267 -19.79 17.44 2.42
N SER A 268 -19.64 16.12 2.57
CA SER A 268 -20.72 15.20 2.92
C SER A 268 -21.28 15.32 4.33
N GLU A 269 -20.49 15.84 5.27
CA GLU A 269 -20.92 15.96 6.66
C GLU A 269 -21.34 17.38 7.07
N THR A 270 -21.37 18.32 6.09
CA THR A 270 -21.78 19.72 6.29
C THR A 270 -22.81 20.17 5.24
N GLY A 271 -22.66 19.65 4.01
CA GLY A 271 -23.50 19.97 2.86
C GLY A 271 -23.08 21.22 2.12
N THR A 272 -21.91 21.80 2.51
CA THR A 272 -21.40 23.03 1.90
C THR A 272 -20.65 22.81 0.59
N PHE A 273 -20.78 23.78 -0.34
CA PHE A 273 -20.15 23.80 -1.66
C PHE A 273 -18.85 24.60 -1.72
N TYR A 274 -17.76 23.91 -2.05
CA TYR A 274 -16.45 24.52 -2.20
C TYR A 274 -15.97 24.38 -3.64
N GLN A 275 -15.20 25.36 -4.10
CA GLN A 275 -14.65 25.44 -5.45
C GLN A 275 -13.23 24.92 -5.49
N ILE A 276 -12.71 24.66 -6.70
CA ILE A 276 -11.36 24.11 -6.86
C ILE A 276 -10.36 25.06 -6.30
N GLY A 277 -9.44 24.54 -5.50
CA GLY A 277 -8.41 25.34 -4.87
C GLY A 277 -8.74 25.87 -3.49
N ASP A 278 -9.95 25.56 -3.00
CA ASP A 278 -10.44 25.95 -1.68
C ASP A 278 -10.14 24.90 -0.66
N SER A 279 -9.72 25.38 0.52
CA SER A 279 -9.37 24.68 1.75
C SER A 279 -10.46 25.03 2.77
N TRP A 280 -10.70 24.16 3.76
CA TRP A 280 -11.70 24.36 4.80
C TRP A 280 -11.45 23.46 5.96
N GLU A 281 -12.13 23.75 7.08
CA GLU A 281 -11.96 22.97 8.30
C GLU A 281 -13.31 22.48 8.77
N LYS A 282 -13.30 21.37 9.45
CA LYS A 282 -14.53 20.80 9.99
C LYS A 282 -14.21 20.01 11.24
N TYR A 283 -15.16 20.02 12.15
CA TYR A 283 -15.11 19.32 13.43
C TYR A 283 -16.14 18.23 13.32
N VAL A 284 -15.70 16.98 13.15
CA VAL A 284 -16.62 15.86 13.04
C VAL A 284 -16.31 14.79 14.04
N HIS A 285 -17.35 14.40 14.81
CA HIS A 285 -17.31 13.36 15.83
C HIS A 285 -16.18 13.51 16.88
N GLY A 286 -15.79 14.76 17.15
CA GLY A 286 -14.75 15.09 18.12
C GLY A 286 -13.32 15.11 17.59
N VAL A 287 -13.14 15.51 16.31
CA VAL A 287 -11.83 15.65 15.64
C VAL A 287 -11.82 16.77 14.61
N ARG A 288 -10.74 17.54 14.60
CA ARG A 288 -10.54 18.68 13.71
C ARG A 288 -9.96 18.14 12.41
N TYR A 289 -10.56 18.52 11.27
CA TYR A 289 -10.11 18.10 9.95
C TYR A 289 -9.76 19.26 9.09
N GLN A 290 -8.76 19.07 8.25
CA GLN A 290 -8.34 20.02 7.23
C GLN A 290 -8.76 19.33 5.92
N CYS A 291 -9.41 20.09 5.00
CA CYS A 291 -10.00 19.63 3.75
C CYS A 291 -9.51 20.39 2.55
N TYR A 292 -9.65 19.80 1.35
CA TYR A 292 -9.25 20.46 0.10
C TYR A 292 -10.09 19.99 -1.09
N CYS A 293 -10.40 20.91 -2.00
CA CYS A 293 -11.20 20.62 -3.20
C CYS A 293 -10.34 20.60 -4.44
N TYR A 294 -10.13 19.39 -4.98
CA TYR A 294 -9.33 19.11 -6.19
C TYR A 294 -10.21 19.23 -7.45
N GLY A 295 -11.41 18.66 -7.37
CA GLY A 295 -12.35 18.62 -8.48
C GLY A 295 -12.09 17.41 -9.35
N ARG A 296 -11.12 17.54 -10.26
CA ARG A 296 -10.72 16.54 -11.26
C ARG A 296 -11.91 15.85 -11.98
N GLY A 297 -12.88 16.72 -12.33
CA GLY A 297 -14.14 16.41 -12.99
C GLY A 297 -15.07 15.50 -12.22
N ILE A 298 -14.67 15.08 -11.01
CA ILE A 298 -15.43 14.14 -10.19
C ILE A 298 -15.76 14.67 -8.80
N GLY A 299 -15.75 15.99 -8.64
CA GLY A 299 -16.02 16.69 -7.38
C GLY A 299 -15.14 16.20 -6.24
N GLU A 300 -13.90 15.77 -6.60
CA GLU A 300 -12.96 15.17 -5.65
C GLU A 300 -12.44 16.09 -4.56
N TRP A 301 -12.72 15.72 -3.32
CA TRP A 301 -12.24 16.40 -2.14
C TRP A 301 -11.66 15.40 -1.13
N HIS A 302 -10.60 15.82 -0.44
CA HIS A 302 -9.93 15.00 0.60
C HIS A 302 -9.93 15.81 1.92
N CYS A 303 -9.84 15.08 3.03
CA CYS A 303 -9.74 15.55 4.40
C CYS A 303 -8.74 14.68 5.11
N GLN A 304 -8.01 15.28 6.03
CA GLN A 304 -7.04 14.64 6.91
C GLN A 304 -7.22 15.30 8.27
N PRO A 305 -6.99 14.58 9.39
CA PRO A 305 -7.08 15.25 10.70
C PRO A 305 -6.01 16.32 10.80
N LEU A 306 -6.37 17.43 11.49
CA LEU A 306 -5.50 18.55 11.80
C LEU A 306 -4.37 17.98 12.68
N GLN A 307 -3.13 18.21 12.24
CA GLN A 307 -1.91 17.73 12.90
C GLN A 307 -1.34 18.79 13.85
N THR A 308 -0.64 18.32 14.90
CA THR A 308 0.00 19.16 15.92
C THR A 308 1.52 19.25 15.65
C1 NAG B . 22.33 -15.10 -14.01
C2 NAG B . 23.34 -14.98 -15.18
C3 NAG B . 24.70 -14.47 -14.72
C4 NAG B . 24.51 -13.13 -14.07
C5 NAG B . 23.61 -13.32 -12.90
C6 NAG B . 23.43 -11.87 -12.45
C7 NAG B . 22.61 -17.02 -16.35
C8 NAG B . 22.93 -18.53 -16.45
N2 NAG B . 23.58 -16.29 -15.80
O3 NAG B . 25.51 -14.25 -15.88
O4 NAG B . 25.79 -12.69 -13.59
O5 NAG B . 22.35 -13.83 -13.35
O6 NAG B . 22.07 -11.69 -12.05
O7 NAG B . 21.54 -16.57 -16.74
C1 NAG C . -6.25 6.99 16.89
C2 NAG C . -5.20 6.83 18.01
C3 NAG C . -5.69 7.44 19.32
C4 NAG C . -5.99 8.89 19.10
C5 NAG C . -7.06 8.97 18.06
C6 NAG C . -7.15 10.50 17.86
C7 NAG C . -4.30 4.63 17.44
C8 NAG C . -4.57 3.11 17.65
N2 NAG C . -4.93 5.42 18.29
O3 NAG C . -4.61 7.39 20.26
O4 NAG C . -6.50 9.43 20.32
O5 NAG C . -6.60 8.37 16.85
O6 NAG C . -8.43 10.79 17.32
O7 NAG C . -3.55 5.01 16.54
C1 NAG D . -25.98 17.84 -13.40
C2 NAG D . -25.58 19.00 -12.48
C3 NAG D . -26.68 20.04 -12.34
C4 NAG D . -27.04 20.55 -13.70
C5 NAG D . -27.51 19.39 -14.51
C6 NAG D . -27.69 20.07 -15.88
C7 NAG D . -25.93 18.97 -10.06
C8 NAG D . -25.16 18.80 -8.72
N2 NAG D . -25.28 18.53 -11.13
O3 NAG D . -26.17 21.15 -11.60
O4 NAG D . -28.12 21.47 -13.57
O5 NAG D . -26.46 18.42 -14.61
O6 NAG D . -27.24 19.16 -16.88
O7 NAG D . -27.04 19.49 -10.07
ZN ZN E . -4.75 0.42 8.66
ZN ZN F . -5.74 12.75 0.34
ZN ZN G . 1.05 7.94 -19.31
ZN ZN H . -8.66 -10.49 3.01
ZN ZN I . 27.35 -21.09 11.75
ZN ZN J . -21.43 9.39 15.70
ZN ZN K . -9.04 8.87 -5.69
C36 12P L . 4.90 6.70 -17.31
C35 12P L . 5.40 7.91 -18.16
O34 12P L . 5.42 9.44 -17.97
C33 12P L . 4.68 10.41 -17.03
C32 12P L . 5.77 11.30 -16.80
O31 12P L . 5.84 12.07 -15.72
C30 12P L . 5.22 13.36 -15.66
C29 12P L . 4.95 14.12 -14.42
O28 12P L . 3.64 14.55 -13.97
C27 12P L . 4.27 15.25 -12.73
C26 12P L . 5.34 14.66 -11.49
O25 12P L . 5.20 13.68 -10.21
C24 12P L . 5.06 12.12 -9.41
C23 12P L . 4.09 11.35 -9.02
O22 12P L . 3.41 12.49 -8.57
C21 12P L . 2.34 12.60 -7.60
C32 12P M . 0.72 22.79 6.01
O31 12P M . -0.64 23.53 5.74
C30 12P M . -1.34 22.81 6.77
C29 12P M . -2.22 21.70 6.43
O28 12P M . -2.72 21.41 5.17
C27 12P M . -3.20 20.16 4.89
C26 12P M . -2.53 18.92 5.21
O25 12P M . -2.35 18.26 3.82
C24 12P M . -1.24 17.98 2.77
C23 12P M . 0.34 18.08 2.68
#